data_7AW7
#
_entry.id   7AW7
#
_cell.length_a   76.150
_cell.length_b   133.150
_cell.length_c   199.790
_cell.angle_alpha   90.000
_cell.angle_beta   90.000
_cell.angle_gamma   90.000
#
_symmetry.space_group_name_H-M   'I 2 2 2'
#
loop_
_entity.id
_entity.type
_entity.pdbx_description
1 polymer HapB
2 polymer 'Transcription factor HapC (Eurofung)'
3 polymer 'CBFD_NFYB_HMF domain-containing protein'
4 polymer 'BZIP domain-containing protein'
5 polymer DNA
6 polymer DNA
7 non-polymer 'SODIUM ION'
8 non-polymer 'CHLORIDE ION'
#
loop_
_entity_poly.entity_id
_entity_poly.type
_entity_poly.pdbx_seq_one_letter_code
_entity_poly.pdbx_strand_id
1 'polypeptide(L)' MESPLYVNAKQFHRILKRRVARQKLEEQLRLTSKGRKPYLHESRHNHAMRRPRGPGGRFLTADE A
2 'polypeptide(L)'
;MKEQDRWLPIANVARIMKLALPENAKIAKEAKECMQECVSEFISFITSEASEKCQQEKRKTVNGEDILFAMTSLGFENYA
EALKIYLSKYRE
;
B
3 'polypeptide(L)'
;MGTWANVNQGLQGTARDILTTYWQHVINHLESDNHDYKIHQLPLARIKKVMKADPEVKMISAEAPILFAKGCDVFITELT
MRAWIHAEDNKRRTLQRSDIAAALSKSDMFDFLIDIVPR
;
C
4 'polypeptide(L)'
;GSVTSKEWIIPPRPKPGRKPATDTPPTKRKAQNRAAQRAFRERRAARVSELEDQIKKIEDDHEIHVATFKEQIANLSREV
EQCRTEMGWWRDRSHALE
;
D,E
5 'polydeoxyribonucleotide'
;(DT)(DT)(DG)(DC)(DG)(DG)(DG)(DT)(DT)(DG)(DG)(DT)(DA)(DA)(DT)(DC)(DA)(DC)(DT)(DT)
(DC)(DG)(DC)(DT)(DC)(DT)(DG)(DA)(DT)(DT)(DG)(DG)(DC)(DT)(DC)(DG)(DG)
;
F
6 'polydeoxyribonucleotide'
;(DA)(DA)(DC)(DC)(DG)(DA)(DG)(DC)(DC)(DA)(DA)(DT)(DC)(DA)(DG)(DA)(DG)(DC)(DG)(DA)
(DA)(DG)(DT)(DG)(DA)(DT)(DT)(DA)(DC)(DC)(DA)(DA)(DC)(DC)(DC)(DG)(DC)
;
G
#
# COMPACT_ATOMS: atom_id res chain seq x y z
N PRO A 4 18.94 -1.73 -17.93
CA PRO A 4 17.71 -2.24 -18.58
C PRO A 4 16.49 -1.31 -18.34
N LEU A 5 15.35 -1.63 -18.96
CA LEU A 5 14.12 -0.79 -18.96
C LEU A 5 13.03 -1.41 -18.09
N TYR A 6 13.31 -2.56 -17.45
CA TYR A 6 12.38 -3.28 -16.55
C TYR A 6 12.13 -2.41 -15.30
N VAL A 7 10.86 -2.07 -15.04
CA VAL A 7 10.44 -1.17 -13.92
C VAL A 7 10.18 -2.00 -12.66
N ASN A 8 9.90 -1.32 -11.55
CA ASN A 8 9.64 -1.91 -10.21
C ASN A 8 8.33 -2.71 -10.26
N ALA A 9 8.40 -4.02 -9.98
CA ALA A 9 7.29 -4.99 -10.11
C ALA A 9 6.24 -4.75 -9.01
N LYS A 10 6.68 -4.33 -7.81
CA LYS A 10 5.81 -4.05 -6.63
C LYS A 10 4.75 -2.99 -7.00
N GLN A 11 5.13 -1.97 -7.76
CA GLN A 11 4.27 -0.81 -8.14
C GLN A 11 3.59 -1.06 -9.49
N PHE A 12 4.32 -1.65 -10.44
CA PHE A 12 3.92 -1.81 -11.87
C PHE A 12 2.42 -2.10 -11.99
N HIS A 13 1.94 -3.11 -11.27
CA HIS A 13 0.52 -3.59 -11.30
C HIS A 13 -0.42 -2.45 -10.91
N ARG A 14 -0.07 -1.69 -9.86
CA ARG A 14 -0.88 -0.55 -9.33
C ARG A 14 -0.73 0.66 -10.27
N ILE A 15 0.44 0.84 -10.89
CA ILE A 15 0.73 1.99 -11.80
C ILE A 15 -0.24 1.93 -12.99
N LEU A 16 -0.47 0.73 -13.54
CA LEU A 16 -1.40 0.51 -14.68
C LEU A 16 -2.85 0.75 -14.23
N LYS A 17 -3.19 0.28 -13.02
CA LYS A 17 -4.54 0.46 -12.41
C LYS A 17 -4.88 1.95 -12.31
N ARG A 18 -3.90 2.78 -11.94
CA ARG A 18 -4.06 4.25 -11.78
C ARG A 18 -4.32 4.89 -13.15
N ARG A 19 -3.54 4.54 -14.17
CA ARG A 19 -3.65 5.06 -15.55
C ARG A 19 -5.10 4.96 -16.03
N VAL A 20 -5.80 3.87 -15.69
CA VAL A 20 -7.23 3.62 -16.03
C VAL A 20 -8.09 4.66 -15.32
N ALA A 21 -7.98 4.75 -14.00
CA ALA A 21 -8.78 5.64 -13.11
C ALA A 21 -8.46 7.11 -13.41
N ARG A 22 -7.19 7.42 -13.65
CA ARG A 22 -6.67 8.80 -13.88
C ARG A 22 -7.23 9.35 -15.20
N GLN A 23 -7.36 8.50 -16.22
CA GLN A 23 -7.89 8.87 -17.57
C GLN A 23 -9.41 9.11 -17.45
N LYS A 24 -10.14 8.17 -16.84
CA LYS A 24 -11.61 8.20 -16.69
C LYS A 24 -12.05 9.50 -16.01
N LEU A 25 -11.34 9.92 -14.96
CA LEU A 25 -11.67 11.11 -14.13
C LEU A 25 -11.56 12.38 -15.00
N GLU A 26 -10.48 12.52 -15.76
CA GLU A 26 -10.15 13.73 -16.58
C GLU A 26 -11.32 14.09 -17.50
N GLU A 27 -12.03 13.08 -18.03
CA GLU A 27 -13.22 13.26 -18.91
C GLU A 27 -14.41 13.76 -18.08
N GLN A 28 -14.68 13.13 -16.93
CA GLN A 28 -15.83 13.46 -16.04
C GLN A 28 -15.69 14.91 -15.53
N LEU A 29 -14.47 15.40 -15.34
CA LEU A 29 -14.18 16.77 -14.83
C LEU A 29 -14.48 17.82 -15.91
N ARG A 30 -14.77 17.40 -17.14
CA ARG A 30 -15.17 18.28 -18.29
C ARG A 30 -14.00 19.18 -18.68
N LEU A 31 -12.76 18.79 -18.33
CA LEU A 31 -11.54 19.61 -18.52
C LEU A 31 -10.94 19.32 -19.90
N THR A 32 -10.89 20.33 -20.77
CA THR A 32 -10.42 20.23 -22.17
C THR A 32 -8.88 20.33 -22.22
N SER A 33 -8.30 21.29 -21.49
CA SER A 33 -6.86 21.62 -21.51
C SER A 33 -6.09 20.70 -20.56
N LYS A 34 -4.86 20.35 -20.91
CA LYS A 34 -3.92 19.52 -20.10
C LYS A 34 -3.18 20.43 -19.11
N GLY A 35 -2.84 21.65 -19.54
CA GLY A 35 -2.16 22.67 -18.72
C GLY A 35 -3.08 23.28 -17.69
N ARG A 36 -2.50 23.95 -16.67
CA ARG A 36 -3.22 24.59 -15.55
C ARG A 36 -3.85 25.91 -16.02
N LYS A 37 -4.64 26.55 -15.14
CA LYS A 37 -5.25 27.88 -15.37
C LYS A 37 -4.32 28.94 -14.78
N PRO A 38 -4.36 30.20 -15.26
CA PRO A 38 -3.53 31.27 -14.70
C PRO A 38 -3.99 31.66 -13.29
N TYR A 39 -5.29 31.47 -12.99
CA TYR A 39 -5.93 31.78 -11.69
C TYR A 39 -7.10 30.81 -11.44
N LEU A 40 -7.74 30.93 -10.28
CA LEU A 40 -8.89 30.10 -9.84
C LEU A 40 -10.07 30.99 -9.44
N HIS A 41 -9.86 31.91 -8.49
CA HIS A 41 -10.89 32.75 -7.84
C HIS A 41 -10.86 34.18 -8.39
N GLU A 42 -11.98 34.62 -8.97
CA GLU A 42 -12.14 35.93 -9.65
C GLU A 42 -12.14 37.06 -8.61
N SER A 43 -12.69 36.79 -7.41
CA SER A 43 -12.80 37.76 -6.28
C SER A 43 -11.39 38.16 -5.82
N ARG A 44 -10.46 37.20 -5.80
CA ARG A 44 -9.04 37.40 -5.38
C ARG A 44 -8.28 38.07 -6.53
N HIS A 45 -8.55 37.64 -7.76
CA HIS A 45 -8.04 38.23 -9.03
C HIS A 45 -8.47 39.71 -9.12
N ASN A 46 -9.74 40.00 -8.83
CA ASN A 46 -10.32 41.37 -8.83
C ASN A 46 -9.71 42.17 -7.67
N HIS A 47 -9.53 41.54 -6.51
CA HIS A 47 -8.87 42.13 -5.30
C HIS A 47 -7.39 42.40 -5.59
N ALA A 48 -6.79 41.64 -6.52
CA ALA A 48 -5.37 41.74 -6.91
C ALA A 48 -5.14 42.92 -7.87
N MET A 49 -6.19 43.43 -8.51
CA MET A 49 -6.13 44.63 -9.40
C MET A 49 -6.43 45.88 -8.57
N ARG A 50 -7.57 45.89 -7.87
CA ARG A 50 -7.95 46.92 -6.86
C ARG A 50 -6.76 47.16 -5.92
N ARG A 51 -6.08 46.07 -5.53
CA ARG A 51 -4.88 46.02 -4.65
C ARG A 51 -4.11 47.33 -4.71
N PRO A 52 -4.07 48.13 -3.62
CA PRO A 52 -3.13 49.25 -3.51
C PRO A 52 -1.67 48.75 -3.50
N ARG A 53 -0.89 49.16 -4.51
CA ARG A 53 0.51 48.70 -4.72
C ARG A 53 1.48 49.86 -4.47
N GLY A 54 2.79 49.57 -4.58
CA GLY A 54 3.89 50.56 -4.56
C GLY A 54 4.58 50.65 -5.92
N PRO A 55 5.76 51.29 -6.01
CA PRO A 55 6.46 51.44 -7.29
C PRO A 55 6.99 50.12 -7.87
N GLY A 56 7.42 49.19 -7.00
CA GLY A 56 8.01 47.89 -7.39
C GLY A 56 6.98 46.79 -7.52
N GLY A 57 5.69 47.11 -7.37
CA GLY A 57 4.57 46.15 -7.53
C GLY A 57 4.20 45.46 -6.22
N ARG A 58 4.96 45.70 -5.15
CA ARG A 58 4.68 45.17 -3.77
C ARG A 58 3.38 45.80 -3.26
N PHE A 59 2.56 45.01 -2.55
CA PHE A 59 1.26 45.46 -1.96
C PHE A 59 1.53 46.18 -0.63
N LEU A 60 0.51 46.89 -0.12
CA LEU A 60 0.53 47.57 1.20
C LEU A 60 -0.86 48.17 1.47
N THR A 61 -1.07 48.71 2.68
CA THR A 61 -2.30 49.43 3.10
C THR A 61 -1.90 50.76 3.76
N MET B 1 -18.01 17.47 -6.19
CA MET B 1 -16.52 17.42 -6.36
C MET B 1 -16.07 18.51 -7.33
N LYS B 2 -15.06 19.30 -6.95
CA LYS B 2 -14.44 20.37 -7.79
C LYS B 2 -13.36 19.74 -8.67
N GLU B 3 -12.53 20.55 -9.33
CA GLU B 3 -11.41 20.10 -10.21
C GLU B 3 -10.10 20.06 -9.40
N GLN B 4 -9.83 21.08 -8.57
CA GLN B 4 -8.57 21.22 -7.79
C GLN B 4 -8.68 20.41 -6.48
N ASP B 5 -9.67 19.53 -6.35
CA ASP B 5 -9.81 18.59 -5.21
C ASP B 5 -8.74 17.48 -5.33
N ARG B 6 -8.29 17.19 -6.56
CA ARG B 6 -7.30 16.11 -6.86
C ARG B 6 -5.87 16.58 -6.51
N TRP B 7 -5.68 17.85 -6.16
CA TRP B 7 -4.38 18.42 -5.72
C TRP B 7 -4.48 18.93 -4.28
N LEU B 8 -3.33 19.03 -3.60
CA LEU B 8 -3.16 19.75 -2.31
C LEU B 8 -2.81 21.21 -2.62
N PRO B 9 -3.06 22.16 -1.70
CA PRO B 9 -2.74 23.58 -1.93
C PRO B 9 -1.25 23.80 -2.26
N ILE B 10 -0.97 24.48 -3.38
CA ILE B 10 0.40 24.67 -3.95
C ILE B 10 1.27 25.44 -2.94
N ALA B 11 0.73 26.47 -2.30
CA ALA B 11 1.46 27.34 -1.35
C ALA B 11 1.93 26.50 -0.14
N ASN B 12 1.11 25.53 0.29
CA ASN B 12 1.42 24.61 1.41
C ASN B 12 2.58 23.70 1.00
N VAL B 13 2.46 23.03 -0.15
CA VAL B 13 3.50 22.13 -0.72
C VAL B 13 4.80 22.92 -0.88
N ALA B 14 4.72 24.12 -1.46
CA ALA B 14 5.85 25.05 -1.69
C ALA B 14 6.54 25.38 -0.35
N ARG B 15 5.75 25.71 0.68
CA ARG B 15 6.29 26.13 2.01
C ARG B 15 7.17 25.01 2.57
N ILE B 16 6.77 23.75 2.41
CA ILE B 16 7.53 22.57 2.91
C ILE B 16 8.86 22.48 2.15
N MET B 17 8.87 22.85 0.87
CA MET B 17 10.07 22.81 -0.01
C MET B 17 11.05 23.90 0.43
N LYS B 18 10.56 25.12 0.65
CA LYS B 18 11.38 26.29 1.12
C LYS B 18 12.17 25.87 2.36
N LEU B 19 11.50 25.18 3.30
CA LEU B 19 12.06 24.75 4.61
C LEU B 19 13.12 23.67 4.40
N ALA B 20 12.88 22.75 3.45
CA ALA B 20 13.77 21.60 3.13
C ALA B 20 15.14 22.09 2.67
N LEU B 21 15.18 23.23 1.97
CA LEU B 21 16.36 23.80 1.29
C LEU B 21 16.93 24.97 2.12
N PRO B 22 18.14 25.47 1.80
CA PRO B 22 18.67 26.66 2.47
C PRO B 22 17.85 27.93 2.19
N GLU B 23 18.08 28.98 2.99
CA GLU B 23 17.35 30.28 2.90
C GLU B 23 17.73 31.00 1.61
N ASN B 24 18.95 30.79 1.10
CA ASN B 24 19.51 31.52 -0.07
C ASN B 24 19.00 30.89 -1.38
N ALA B 25 18.31 29.74 -1.30
CA ALA B 25 17.80 29.00 -2.48
C ALA B 25 16.56 29.69 -3.06
N LYS B 26 16.17 29.29 -4.27
CA LYS B 26 14.89 29.65 -4.94
C LYS B 26 14.30 28.40 -5.60
N ILE B 27 13.00 28.40 -5.83
CA ILE B 27 12.21 27.22 -6.32
C ILE B 27 11.34 27.68 -7.50
N ALA B 28 11.57 27.09 -8.67
CA ALA B 28 10.84 27.39 -9.93
C ALA B 28 9.34 27.15 -9.72
N LYS B 29 8.49 28.05 -10.23
CA LYS B 29 7.01 27.92 -10.20
C LYS B 29 6.63 26.58 -10.80
N GLU B 30 7.34 26.15 -11.86
CA GLU B 30 7.19 24.83 -12.53
C GLU B 30 7.49 23.71 -11.54
N ALA B 31 8.59 23.83 -10.78
CA ALA B 31 9.08 22.83 -9.81
C ALA B 31 8.07 22.66 -8.67
N LYS B 32 7.46 23.75 -8.20
CA LYS B 32 6.40 23.74 -7.16
C LYS B 32 5.19 22.97 -7.68
N GLU B 33 4.71 23.33 -8.87
CA GLU B 33 3.53 22.71 -9.55
C GLU B 33 3.81 21.23 -9.82
N CYS B 34 5.05 20.87 -10.11
CA CYS B 34 5.50 19.46 -10.31
C CYS B 34 5.35 18.70 -8.98
N MET B 35 5.91 19.24 -7.90
CA MET B 35 5.88 18.65 -6.54
C MET B 35 4.42 18.41 -6.13
N GLN B 36 3.58 19.45 -6.26
CA GLN B 36 2.11 19.40 -5.99
C GLN B 36 1.51 18.17 -6.66
N GLU B 37 1.73 18.01 -7.97
CA GLU B 37 1.21 16.88 -8.79
C GLU B 37 1.78 15.56 -8.23
N CYS B 38 3.06 15.54 -7.87
CA CYS B 38 3.77 14.35 -7.33
C CYS B 38 3.10 13.93 -6.02
N VAL B 39 3.19 14.78 -4.98
CA VAL B 39 2.70 14.46 -3.61
C VAL B 39 1.23 14.06 -3.67
N SER B 40 0.45 14.68 -4.56
CA SER B 40 -1.00 14.42 -4.75
C SER B 40 -1.21 13.01 -5.34
N GLU B 41 -0.32 12.55 -6.22
CA GLU B 41 -0.35 11.19 -6.80
C GLU B 41 0.10 10.18 -5.74
N PHE B 42 1.13 10.50 -4.96
CA PHE B 42 1.65 9.67 -3.83
C PHE B 42 0.47 9.24 -2.95
N ILE B 43 -0.46 10.16 -2.68
CA ILE B 43 -1.69 9.91 -1.87
C ILE B 43 -2.58 8.91 -2.62
N SER B 44 -3.08 9.31 -3.79
CA SER B 44 -4.04 8.53 -4.64
C SER B 44 -3.47 7.14 -4.96
N PHE B 45 -2.15 7.05 -5.18
CA PHE B 45 -1.41 5.80 -5.52
C PHE B 45 -1.56 4.79 -4.37
N ILE B 46 -1.20 5.20 -3.14
CA ILE B 46 -1.21 4.35 -1.92
C ILE B 46 -2.67 4.01 -1.56
N THR B 47 -3.58 4.98 -1.71
CA THR B 47 -5.02 4.85 -1.38
C THR B 47 -5.64 3.70 -2.18
N SER B 48 -5.38 3.64 -3.49
CA SER B 48 -5.97 2.66 -4.44
C SER B 48 -5.57 1.23 -4.05
N GLU B 49 -4.33 1.02 -3.60
CA GLU B 49 -3.80 -0.30 -3.17
C GLU B 49 -4.45 -0.71 -1.83
N ALA B 50 -4.84 0.26 -1.01
CA ALA B 50 -5.55 0.06 0.27
C ALA B 50 -7.05 -0.12 -0.02
N SER B 51 -7.56 0.50 -1.09
CA SER B 51 -9.00 0.50 -1.47
C SER B 51 -9.43 -0.89 -1.94
N GLU B 52 -8.70 -1.49 -2.89
CA GLU B 52 -9.01 -2.82 -3.48
C GLU B 52 -8.94 -3.91 -2.40
N LYS B 53 -7.88 -3.88 -1.58
CA LYS B 53 -7.66 -4.85 -0.47
C LYS B 53 -8.83 -4.81 0.51
N CYS B 54 -9.39 -3.62 0.76
CA CYS B 54 -10.55 -3.39 1.67
C CYS B 54 -11.83 -3.98 1.06
N GLN B 55 -11.95 -3.95 -0.27
CA GLN B 55 -13.14 -4.46 -1.02
C GLN B 55 -13.12 -6.00 -1.05
N GLN B 56 -11.96 -6.62 -0.82
CA GLN B 56 -11.82 -8.10 -0.73
C GLN B 56 -12.43 -8.59 0.59
N GLU B 57 -12.10 -7.93 1.71
CA GLU B 57 -12.67 -8.22 3.05
C GLU B 57 -14.09 -7.60 3.15
N LYS B 58 -14.46 -6.76 2.19
CA LYS B 58 -15.81 -6.13 2.04
C LYS B 58 -16.03 -5.14 3.21
N ARG B 59 -15.02 -4.32 3.51
CA ARG B 59 -15.14 -3.14 4.42
C ARG B 59 -15.62 -1.94 3.60
N LYS B 60 -16.12 -0.91 4.28
CA LYS B 60 -16.46 0.41 3.67
C LYS B 60 -15.46 1.46 4.17
N THR B 61 -15.09 1.40 5.46
CA THR B 61 -14.13 2.30 6.15
C THR B 61 -12.69 1.91 5.75
N VAL B 62 -11.87 2.90 5.36
CA VAL B 62 -10.41 2.76 5.06
C VAL B 62 -9.63 3.33 6.25
N ASN B 63 -8.98 2.46 7.03
CA ASN B 63 -8.34 2.82 8.33
C ASN B 63 -6.81 2.84 8.16
N GLY B 64 -6.13 3.61 9.01
CA GLY B 64 -4.68 3.86 8.95
C GLY B 64 -3.87 2.57 8.81
N GLU B 65 -4.35 1.49 9.42
CA GLU B 65 -3.63 0.21 9.34
C GLU B 65 -3.58 -0.20 7.87
N ASP B 66 -4.71 -0.06 7.19
CA ASP B 66 -4.83 -0.42 5.75
C ASP B 66 -3.80 0.38 4.94
N ILE B 67 -3.56 1.64 5.31
CA ILE B 67 -2.59 2.55 4.62
C ILE B 67 -1.18 1.99 4.83
N LEU B 68 -0.81 1.66 6.08
CA LEU B 68 0.54 1.17 6.45
C LEU B 68 0.85 -0.14 5.72
N PHE B 69 -0.17 -1.00 5.53
CA PHE B 69 -0.07 -2.26 4.73
C PHE B 69 0.24 -1.90 3.28
N ALA B 70 -0.58 -1.02 2.68
CA ALA B 70 -0.52 -0.61 1.27
C ALA B 70 0.87 -0.03 0.96
N MET B 71 1.50 0.64 1.93
CA MET B 71 2.84 1.28 1.79
C MET B 71 3.92 0.19 1.65
N THR B 72 3.98 -0.76 2.58
CA THR B 72 4.93 -1.91 2.55
C THR B 72 4.70 -2.75 1.27
N SER B 73 3.44 -2.84 0.81
CA SER B 73 3.03 -3.60 -0.40
C SER B 73 3.63 -2.96 -1.66
N LEU B 74 3.67 -1.62 -1.71
CA LEU B 74 4.19 -0.84 -2.88
C LEU B 74 5.65 -0.42 -2.65
N GLY B 75 6.37 -1.15 -1.80
CA GLY B 75 7.82 -0.96 -1.55
C GLY B 75 8.14 0.38 -0.90
N PHE B 76 7.23 0.91 -0.06
CA PHE B 76 7.45 2.11 0.79
C PHE B 76 7.69 1.66 2.23
N GLU B 77 8.59 0.68 2.42
CA GLU B 77 8.88 0.07 3.75
C GLU B 77 9.26 1.18 4.75
N ASN B 78 10.15 2.09 4.33
CA ASN B 78 10.69 3.20 5.16
C ASN B 78 9.54 4.07 5.68
N TYR B 79 8.59 4.44 4.82
CA TYR B 79 7.42 5.30 5.15
C TYR B 79 6.49 4.55 6.12
N ALA B 80 6.20 3.28 5.82
CA ALA B 80 5.29 2.41 6.60
C ALA B 80 5.79 2.25 8.04
N GLU B 81 7.10 2.03 8.20
CA GLU B 81 7.74 1.76 9.52
C GLU B 81 7.95 3.08 10.28
N ALA B 82 7.91 4.22 9.58
CA ALA B 82 8.02 5.57 10.17
C ALA B 82 6.65 6.00 10.71
N LEU B 83 5.60 5.85 9.91
CA LEU B 83 4.21 6.25 10.24
C LEU B 83 3.58 5.23 11.21
N LYS B 84 4.16 4.04 11.32
CA LYS B 84 3.80 3.01 12.33
C LYS B 84 3.94 3.62 13.73
N ILE B 85 4.95 4.48 13.91
CA ILE B 85 5.27 5.15 15.20
C ILE B 85 4.28 6.29 15.46
N TYR B 86 3.81 6.95 14.39
CA TYR B 86 2.86 8.08 14.45
C TYR B 86 1.47 7.56 14.84
N LEU B 87 1.05 6.43 14.24
CA LEU B 87 -0.27 5.80 14.46
C LEU B 87 -0.36 5.25 15.89
N SER B 88 0.72 4.64 16.39
CA SER B 88 0.79 4.01 17.74
C SER B 88 0.66 5.09 18.83
N LYS B 89 1.28 6.25 18.63
CA LYS B 89 1.19 7.41 19.57
C LYS B 89 -0.20 8.03 19.49
N TYR B 90 -0.86 7.94 18.34
CA TYR B 90 -2.23 8.47 18.09
C TYR B 90 -3.24 7.61 18.86
N ARG B 91 -3.25 6.31 18.56
CA ARG B 91 -4.23 5.31 19.08
C ARG B 91 -4.15 5.17 20.62
N GLU B 92 -2.94 5.08 21.17
CA GLU B 92 -2.66 4.96 22.63
C GLU B 92 -3.24 3.65 23.18
N THR C 3 13.94 -3.00 3.94
CA THR C 3 13.18 -2.37 5.06
C THR C 3 13.57 -0.88 5.18
N TRP C 4 14.87 -0.57 5.01
CA TRP C 4 15.41 0.82 4.99
C TRP C 4 16.32 1.00 3.77
N ALA C 5 16.03 0.29 2.67
CA ALA C 5 16.84 0.28 1.43
C ALA C 5 16.49 1.47 0.54
N ASN C 6 15.32 2.09 0.77
CA ASN C 6 14.76 3.19 -0.07
C ASN C 6 15.43 4.53 0.30
N VAL C 7 16.17 4.57 1.40
CA VAL C 7 16.74 5.82 2.00
C VAL C 7 17.83 6.38 1.07
N ASN C 8 18.87 5.59 0.81
CA ASN C 8 20.04 5.96 -0.04
C ASN C 8 19.99 5.15 -1.34
N GLN C 9 18.82 5.06 -1.97
CA GLN C 9 18.58 4.32 -3.25
C GLN C 9 18.94 5.24 -4.43
N GLY C 10 20.00 4.88 -5.17
CA GLY C 10 20.55 5.68 -6.28
C GLY C 10 21.34 6.88 -5.78
N LEU C 11 21.75 6.87 -4.51
CA LEU C 11 22.44 7.98 -3.82
C LEU C 11 23.79 7.48 -3.25
N GLN C 12 24.88 8.12 -3.65
CA GLN C 12 26.27 7.83 -3.16
C GLN C 12 27.03 9.16 -3.03
N GLY C 13 28.19 9.14 -2.35
CA GLY C 13 28.97 10.32 -1.98
C GLY C 13 28.60 10.80 -0.59
N THR C 14 28.47 12.12 -0.39
CA THR C 14 27.97 12.74 0.86
C THR C 14 26.44 12.86 0.78
N ALA C 15 25.88 12.67 -0.42
CA ALA C 15 24.42 12.75 -0.72
C ALA C 15 23.67 11.61 -0.02
N ARG C 16 24.34 10.50 0.28
CA ARG C 16 23.76 9.30 0.94
C ARG C 16 23.53 9.57 2.44
N ASP C 17 24.49 10.27 3.09
CA ASP C 17 24.49 10.54 4.55
C ASP C 17 23.37 11.53 4.89
N ILE C 18 23.29 12.64 4.15
CA ILE C 18 22.32 13.76 4.36
C ILE C 18 20.89 13.21 4.42
N LEU C 19 20.55 12.25 3.56
CA LEU C 19 19.19 11.63 3.48
C LEU C 19 18.97 10.71 4.69
N THR C 20 19.93 9.82 4.98
CA THR C 20 19.89 8.91 6.16
C THR C 20 19.79 9.75 7.44
N THR C 21 20.54 10.87 7.50
CA THR C 21 20.55 11.83 8.63
C THR C 21 19.14 12.41 8.83
N TYR C 22 18.44 12.71 7.73
CA TYR C 22 17.04 13.23 7.75
C TYR C 22 16.14 12.18 8.38
N TRP C 23 16.01 11.02 7.73
CA TRP C 23 15.14 9.90 8.17
C TRP C 23 15.37 9.59 9.65
N GLN C 24 16.63 9.61 10.11
CA GLN C 24 16.98 9.41 11.54
C GLN C 24 16.36 10.54 12.38
N HIS C 25 16.55 11.79 11.97
CA HIS C 25 15.94 12.99 12.63
C HIS C 25 14.42 12.81 12.67
N VAL C 26 13.83 12.32 11.58
CA VAL C 26 12.35 12.08 11.45
C VAL C 26 11.94 11.05 12.50
N ILE C 27 12.57 9.87 12.47
CA ILE C 27 12.29 8.71 13.37
C ILE C 27 12.43 9.15 14.82
N ASN C 28 13.51 9.88 15.15
CA ASN C 28 13.83 10.31 16.54
C ASN C 28 12.73 11.23 17.07
N HIS C 29 12.24 12.16 16.23
CA HIS C 29 11.19 13.15 16.60
C HIS C 29 9.81 12.50 16.56
N LEU C 30 9.66 11.38 15.84
CA LEU C 30 8.44 10.53 15.84
C LEU C 30 8.39 9.69 17.13
N GLU C 31 9.55 9.34 17.69
CA GLU C 31 9.67 8.51 18.91
C GLU C 31 9.64 9.40 20.17
N SER C 32 9.96 10.69 20.02
CA SER C 32 10.28 11.62 21.13
C SER C 32 9.11 12.58 21.42
N ASP C 33 8.97 13.64 20.61
CA ASP C 33 8.16 14.85 20.92
C ASP C 33 6.66 14.51 20.92
N ASN C 34 5.88 15.22 21.74
CA ASN C 34 4.41 15.07 21.85
C ASN C 34 3.74 15.66 20.61
N HIS C 35 3.11 14.80 19.78
CA HIS C 35 2.50 15.17 18.47
C HIS C 35 1.10 15.76 18.68
N ASP C 36 0.90 16.99 18.19
CA ASP C 36 -0.42 17.65 18.07
C ASP C 36 -1.04 17.24 16.73
N TYR C 37 -2.08 16.41 16.75
CA TYR C 37 -2.73 15.81 15.56
C TYR C 37 -3.78 16.75 14.97
N LYS C 38 -3.65 18.05 15.23
CA LYS C 38 -4.47 19.14 14.65
C LYS C 38 -3.55 20.06 13.84
N ILE C 39 -2.43 20.48 14.43
CA ILE C 39 -1.31 21.23 13.76
C ILE C 39 -0.75 20.34 12.64
N HIS C 40 -0.83 20.79 11.38
CA HIS C 40 -0.33 20.08 10.19
C HIS C 40 0.06 21.08 9.09
N GLN C 41 1.20 20.85 8.44
CA GLN C 41 1.73 21.68 7.32
C GLN C 41 0.80 21.57 6.10
N LEU C 42 0.21 20.39 5.90
CA LEU C 42 -0.78 20.12 4.83
C LEU C 42 -2.15 19.94 5.47
N PRO C 43 -3.21 20.62 4.95
CA PRO C 43 -4.52 20.59 5.59
C PRO C 43 -5.24 19.23 5.45
N LEU C 44 -5.67 18.66 6.58
CA LEU C 44 -6.30 17.32 6.67
C LEU C 44 -7.48 17.22 5.69
N ALA C 45 -8.37 18.22 5.70
CA ALA C 45 -9.63 18.25 4.91
C ALA C 45 -9.34 17.93 3.43
N ARG C 46 -8.30 18.53 2.86
CA ARG C 46 -7.98 18.40 1.41
C ARG C 46 -7.38 17.02 1.12
N ILE C 47 -6.53 16.49 2.01
CA ILE C 47 -5.94 15.12 1.88
C ILE C 47 -7.09 14.12 1.71
N LYS C 48 -8.16 14.27 2.48
CA LYS C 48 -9.38 13.42 2.43
C LYS C 48 -10.06 13.57 1.07
N LYS C 49 -10.11 14.80 0.54
CA LYS C 49 -10.72 15.13 -0.77
C LYS C 49 -9.94 14.44 -1.90
N VAL C 50 -8.60 14.50 -1.85
CA VAL C 50 -7.67 13.85 -2.82
C VAL C 50 -7.95 12.35 -2.82
N MET C 51 -8.15 11.75 -1.63
CA MET C 51 -8.48 10.32 -1.44
C MET C 51 -9.87 10.05 -2.03
N LYS C 52 -10.86 10.88 -1.67
CA LYS C 52 -12.28 10.71 -2.06
C LYS C 52 -12.50 11.22 -3.48
N ALA C 53 -11.43 11.58 -4.20
CA ALA C 53 -11.44 11.90 -5.65
C ALA C 53 -11.54 10.60 -6.45
N ASP C 54 -11.12 9.48 -5.87
CA ASP C 54 -11.28 8.10 -6.43
C ASP C 54 -12.66 7.58 -6.04
N PRO C 55 -13.63 7.46 -6.97
CA PRO C 55 -14.98 7.01 -6.64
C PRO C 55 -15.10 5.53 -6.22
N GLU C 56 -13.98 4.80 -6.18
CA GLU C 56 -13.90 3.40 -5.65
C GLU C 56 -13.88 3.45 -4.11
N VAL C 57 -13.22 4.46 -3.53
CA VAL C 57 -13.15 4.72 -2.06
C VAL C 57 -14.46 5.39 -1.62
N LYS C 58 -15.02 4.96 -0.49
CA LYS C 58 -16.33 5.44 0.03
C LYS C 58 -16.12 6.13 1.39
N MET C 59 -15.89 5.35 2.46
CA MET C 59 -15.69 5.86 3.84
C MET C 59 -14.20 5.80 4.18
N ILE C 60 -13.69 6.86 4.83
CA ILE C 60 -12.25 7.02 5.23
C ILE C 60 -12.21 7.31 6.73
N SER C 61 -11.37 6.57 7.46
CA SER C 61 -11.09 6.80 8.91
C SER C 61 -10.36 8.13 9.09
N ALA C 62 -10.58 8.81 10.21
CA ALA C 62 -9.92 10.08 10.59
C ALA C 62 -8.40 9.91 10.61
N GLU C 63 -7.91 8.68 10.81
CA GLU C 63 -6.48 8.33 10.97
C GLU C 63 -5.71 8.58 9.66
N ALA C 64 -6.22 8.06 8.53
CA ALA C 64 -5.51 8.01 7.23
C ALA C 64 -5.05 9.41 6.83
N PRO C 65 -5.95 10.43 6.80
CA PRO C 65 -5.52 11.80 6.50
C PRO C 65 -4.35 12.23 7.39
N ILE C 66 -4.49 11.97 8.70
CA ILE C 66 -3.48 12.35 9.75
C ILE C 66 -2.14 11.67 9.42
N LEU C 67 -2.17 10.41 8.97
CA LEU C 67 -0.94 9.69 8.55
C LEU C 67 -0.38 10.33 7.29
N PHE C 68 -1.22 10.60 6.30
CA PHE C 68 -0.82 11.16 4.98
C PHE C 68 -0.21 12.56 5.16
N ALA C 69 -0.80 13.37 6.04
CA ALA C 69 -0.34 14.74 6.39
C ALA C 69 1.16 14.70 6.71
N LYS C 70 1.56 13.81 7.61
CA LYS C 70 2.97 13.61 8.07
C LYS C 70 3.76 12.93 6.94
N GLY C 71 3.23 11.84 6.41
CA GLY C 71 3.83 11.04 5.32
C GLY C 71 4.16 11.89 4.10
N CYS C 72 3.29 12.85 3.76
CA CYS C 72 3.46 13.78 2.62
C CYS C 72 4.51 14.83 2.96
N ASP C 73 4.45 15.39 4.17
CA ASP C 73 5.44 16.36 4.69
C ASP C 73 6.84 15.76 4.52
N VAL C 74 7.04 14.52 4.96
CA VAL C 74 8.36 13.82 4.94
C VAL C 74 8.68 13.46 3.49
N PHE C 75 7.68 13.18 2.65
CA PHE C 75 7.85 12.85 1.21
C PHE C 75 8.40 14.08 0.47
N ILE C 76 7.63 15.19 0.48
CA ILE C 76 8.00 16.48 -0.17
C ILE C 76 9.44 16.82 0.23
N THR C 77 9.73 16.82 1.53
CA THR C 77 11.00 17.31 2.12
C THR C 77 12.18 16.49 1.58
N GLU C 78 12.02 15.17 1.43
CA GLU C 78 13.15 14.27 1.01
C GLU C 78 13.39 14.47 -0.49
N LEU C 79 12.33 14.56 -1.29
CA LEU C 79 12.42 14.76 -2.77
C LEU C 79 13.09 16.11 -3.04
N THR C 80 12.58 17.19 -2.42
CA THR C 80 13.11 18.57 -2.58
C THR C 80 14.61 18.56 -2.31
N MET C 81 15.04 17.90 -1.23
CA MET C 81 16.46 17.75 -0.84
C MET C 81 17.23 16.97 -1.92
N ARG C 82 16.69 15.81 -2.34
CA ARG C 82 17.28 14.97 -3.43
C ARG C 82 17.47 15.84 -4.67
N ALA C 83 16.42 16.56 -5.07
CA ALA C 83 16.40 17.47 -6.23
C ALA C 83 17.43 18.61 -6.05
N TRP C 84 17.57 19.12 -4.82
CA TRP C 84 18.46 20.27 -4.49
C TRP C 84 19.92 19.90 -4.72
N ILE C 85 20.30 18.63 -4.54
CA ILE C 85 21.68 18.14 -4.80
C ILE C 85 21.98 18.33 -6.29
N HIS C 86 21.08 17.87 -7.15
CA HIS C 86 21.19 17.91 -8.64
C HIS C 86 21.45 19.34 -9.11
N ALA C 87 20.83 20.34 -8.45
CA ALA C 87 20.96 21.77 -8.77
C ALA C 87 22.35 22.27 -8.38
N GLU C 88 22.86 21.87 -7.21
CA GLU C 88 24.19 22.30 -6.70
C GLU C 88 25.30 21.63 -7.53
N ASP C 89 25.08 20.39 -7.98
CA ASP C 89 26.01 19.64 -8.85
C ASP C 89 26.15 20.37 -10.21
N ASN C 90 25.05 20.97 -10.68
CA ASN C 90 24.99 21.73 -11.96
C ASN C 90 25.11 23.24 -11.68
N LYS C 91 25.59 23.61 -10.49
CA LYS C 91 25.86 25.02 -10.06
C LYS C 91 24.63 25.89 -10.30
N ARG C 92 23.57 25.69 -9.51
CA ARG C 92 22.30 26.48 -9.57
C ARG C 92 21.80 26.74 -8.15
N ARG C 93 21.19 27.91 -7.93
CA ARG C 93 20.53 28.30 -6.65
C ARG C 93 19.01 28.12 -6.80
N THR C 94 18.51 27.99 -8.02
CA THR C 94 17.07 27.83 -8.36
C THR C 94 16.75 26.35 -8.62
N LEU C 95 15.84 25.78 -7.83
CA LEU C 95 15.35 24.38 -8.01
C LEU C 95 14.40 24.34 -9.20
N GLN C 96 14.83 23.76 -10.32
CA GLN C 96 14.04 23.67 -11.57
C GLN C 96 13.22 22.37 -11.55
N ARG C 97 12.27 22.25 -12.48
CA ARG C 97 11.44 21.03 -12.67
C ARG C 97 12.37 19.85 -12.99
N SER C 98 13.32 20.06 -13.90
CA SER C 98 14.32 19.05 -14.36
C SER C 98 15.09 18.48 -13.17
N ASP C 99 15.47 19.32 -12.20
CA ASP C 99 16.18 18.92 -10.96
C ASP C 99 15.36 17.84 -10.23
N ILE C 100 14.05 18.06 -10.09
CA ILE C 100 13.10 17.07 -9.49
C ILE C 100 13.11 15.81 -10.36
N ALA C 101 12.70 15.95 -11.63
CA ALA C 101 12.70 14.88 -12.66
C ALA C 101 13.94 14.01 -12.50
N ALA C 102 15.12 14.64 -12.47
CA ALA C 102 16.45 13.97 -12.40
C ALA C 102 16.52 13.07 -11.16
N ALA C 103 16.00 13.53 -10.01
CA ALA C 103 16.03 12.82 -8.72
C ALA C 103 15.07 11.63 -8.74
N LEU C 104 13.94 11.76 -9.46
CA LEU C 104 12.88 10.71 -9.53
C LEU C 104 13.41 9.48 -10.29
N SER C 105 14.36 9.67 -11.20
CA SER C 105 14.96 8.59 -12.03
C SER C 105 16.04 7.83 -11.24
N LYS C 106 16.50 8.39 -10.12
CA LYS C 106 17.61 7.81 -9.30
C LYS C 106 17.10 6.55 -8.59
N SER C 107 15.87 6.57 -8.07
CA SER C 107 15.25 5.46 -7.31
C SER C 107 14.04 4.91 -8.07
N ASP C 108 13.85 3.58 -8.00
CA ASP C 108 12.73 2.84 -8.62
C ASP C 108 11.47 2.98 -7.76
N MET C 109 11.60 3.62 -6.59
CA MET C 109 10.49 3.92 -5.65
C MET C 109 9.54 4.96 -6.27
N PHE C 110 10.05 5.86 -7.11
CA PHE C 110 9.29 6.98 -7.71
C PHE C 110 8.70 6.58 -9.07
N ASP C 111 8.79 5.30 -9.45
CA ASP C 111 8.37 4.78 -10.78
C ASP C 111 6.87 5.02 -11.00
N PHE C 112 6.11 5.35 -9.96
CA PHE C 112 4.66 5.67 -10.04
C PHE C 112 4.46 7.08 -10.63
N LEU C 113 5.49 7.94 -10.61
CA LEU C 113 5.39 9.38 -11.00
C LEU C 113 5.78 9.57 -12.47
N ILE C 114 6.21 8.52 -13.17
CA ILE C 114 6.70 8.58 -14.58
C ILE C 114 5.62 9.19 -15.48
N ASP C 115 4.33 8.98 -15.16
CA ASP C 115 3.19 9.56 -15.92
C ASP C 115 3.08 11.05 -15.65
N ILE C 116 3.50 11.51 -14.46
CA ILE C 116 3.47 12.95 -14.06
C ILE C 116 4.65 13.68 -14.71
N VAL C 117 5.81 13.03 -14.74
CA VAL C 117 7.08 13.58 -15.33
C VAL C 117 7.69 12.50 -16.24
N PRO C 118 7.33 12.47 -17.55
CA PRO C 118 7.88 11.46 -18.46
C PRO C 118 9.36 11.69 -18.80
N ARG C 119 9.99 10.68 -19.41
CA ARG C 119 11.45 10.64 -19.72
C ARG C 119 11.76 11.61 -20.86
N VAL D 3 20.42 3.11 9.67
CA VAL D 3 19.00 3.45 10.00
C VAL D 3 18.48 2.41 11.00
N THR D 4 18.14 2.85 12.22
CA THR D 4 17.63 2.00 13.33
C THR D 4 16.39 2.64 13.96
N SER D 5 15.42 1.82 14.37
CA SER D 5 14.21 2.21 15.13
C SER D 5 13.95 1.17 16.23
N LYS D 6 13.11 1.55 17.21
CA LYS D 6 12.71 0.59 18.26
C LYS D 6 11.57 -0.26 17.72
N GLU D 7 11.27 -1.37 18.38
CA GLU D 7 10.16 -2.27 17.97
C GLU D 7 8.85 -1.65 18.45
N TRP D 8 8.17 -0.90 17.58
CA TRP D 8 6.88 -0.22 17.85
C TRP D 8 5.72 -1.13 17.41
N ILE D 9 4.73 -1.31 18.29
CA ILE D 9 3.54 -2.17 18.08
C ILE D 9 2.30 -1.28 18.06
N ILE D 10 1.47 -1.41 17.02
CA ILE D 10 0.23 -0.61 16.83
C ILE D 10 -0.81 -1.14 17.82
N PRO D 11 -1.29 -0.31 18.78
CA PRO D 11 -2.31 -0.75 19.72
C PRO D 11 -3.65 -0.90 19.00
N PRO D 12 -4.43 -1.97 19.28
CA PRO D 12 -5.69 -2.18 18.55
C PRO D 12 -6.71 -1.07 18.86
N ARG D 13 -7.44 -0.63 17.83
CA ARG D 13 -8.47 0.44 17.94
C ARG D 13 -9.57 -0.05 18.88
N PRO D 14 -10.13 0.84 19.75
CA PRO D 14 -11.02 0.39 20.81
C PRO D 14 -12.28 -0.28 20.25
N LYS D 15 -12.48 -1.56 20.58
CA LYS D 15 -13.62 -2.41 20.12
C LYS D 15 -14.94 -1.70 20.44
N PRO D 16 -15.90 -1.65 19.50
CA PRO D 16 -17.19 -1.00 19.75
C PRO D 16 -18.17 -1.92 20.47
N GLY D 17 -19.31 -1.38 20.90
CA GLY D 17 -20.41 -2.15 21.50
C GLY D 17 -20.86 -1.59 22.84
N ARG D 18 -21.64 -2.39 23.57
CA ARG D 18 -22.18 -1.97 24.87
C ARG D 18 -21.25 -2.39 26.01
N LYS D 19 -20.87 -1.43 26.85
CA LYS D 19 -20.03 -1.67 28.05
C LYS D 19 -20.50 -2.96 28.71
N PRO D 20 -19.62 -3.95 28.99
CA PRO D 20 -20.02 -5.17 29.68
C PRO D 20 -20.43 -4.85 31.13
N ALA D 21 -21.61 -5.36 31.55
CA ALA D 21 -22.23 -5.12 32.87
C ALA D 21 -21.22 -5.40 33.98
N THR D 22 -20.82 -4.37 34.72
CA THR D 22 -19.85 -4.44 35.84
C THR D 22 -20.45 -5.25 37.01
N ASP D 23 -21.77 -5.13 37.21
CA ASP D 23 -22.51 -5.71 38.37
C ASP D 23 -22.59 -7.24 38.25
N THR D 24 -22.66 -7.91 39.41
CA THR D 24 -23.01 -9.36 39.54
C THR D 24 -24.52 -9.45 39.72
N PRO D 25 -25.23 -10.39 39.04
CA PRO D 25 -26.66 -10.57 39.26
C PRO D 25 -26.92 -11.22 40.62
N PRO D 26 -27.98 -10.80 41.35
CA PRO D 26 -28.20 -11.27 42.72
C PRO D 26 -28.93 -12.62 42.83
N THR D 27 -29.09 -13.35 41.72
CA THR D 27 -29.73 -14.68 41.64
C THR D 27 -28.79 -15.66 40.94
N LYS D 28 -28.55 -16.84 41.51
CA LYS D 28 -27.65 -17.86 40.88
C LYS D 28 -28.30 -18.37 39.59
N ARG D 29 -29.63 -18.34 39.54
CA ARG D 29 -30.40 -18.86 38.38
C ARG D 29 -30.24 -17.91 37.18
N LYS D 30 -30.15 -16.60 37.43
CA LYS D 30 -29.95 -15.62 36.33
C LYS D 30 -28.44 -15.45 36.10
N ALA D 31 -27.64 -15.86 37.07
CA ALA D 31 -26.16 -15.80 36.99
C ALA D 31 -25.66 -16.86 36.00
N GLN D 32 -26.08 -18.12 36.19
CA GLN D 32 -25.72 -19.27 35.33
C GLN D 32 -26.29 -19.03 33.92
N ASN D 33 -27.41 -18.32 33.82
CA ASN D 33 -28.01 -17.87 32.52
C ASN D 33 -27.00 -16.96 31.82
N ARG D 34 -26.58 -15.88 32.50
CA ARG D 34 -25.59 -14.87 32.01
C ARG D 34 -24.32 -15.58 31.52
N ALA D 35 -23.75 -16.46 32.37
CA ALA D 35 -22.51 -17.22 32.11
C ALA D 35 -22.66 -18.08 30.85
N ALA D 36 -23.78 -18.79 30.71
CA ALA D 36 -24.10 -19.70 29.59
C ALA D 36 -24.41 -18.87 28.32
N GLN D 37 -25.05 -17.72 28.47
CA GLN D 37 -25.40 -16.88 27.30
C GLN D 37 -24.11 -16.21 26.82
N ARG D 38 -23.36 -15.66 27.75
CA ARG D 38 -22.07 -14.99 27.41
C ARG D 38 -21.18 -15.97 26.65
N ALA D 39 -21.15 -17.24 27.08
CA ALA D 39 -20.39 -18.35 26.45
C ALA D 39 -20.88 -18.55 25.02
N PHE D 40 -22.20 -18.61 24.84
CA PHE D 40 -22.88 -18.79 23.52
C PHE D 40 -22.40 -17.74 22.51
N ARG D 41 -22.24 -16.48 22.96
CA ARG D 41 -21.83 -15.34 22.10
C ARG D 41 -20.37 -15.48 21.69
N GLU D 42 -19.54 -16.10 22.54
CA GLU D 42 -18.11 -16.37 22.26
C GLU D 42 -17.98 -17.63 21.38
N ARG D 43 -18.65 -18.73 21.78
CA ARG D 43 -18.68 -20.02 21.03
C ARG D 43 -19.10 -19.77 19.59
N ARG D 44 -20.17 -19.02 19.35
CA ARG D 44 -20.59 -18.72 17.97
C ARG D 44 -19.50 -17.86 17.30
N ALA D 45 -19.12 -16.76 17.94
CA ALA D 45 -18.13 -15.82 17.36
C ALA D 45 -16.78 -16.51 17.13
N ALA D 46 -16.55 -17.67 17.76
CA ALA D 46 -15.28 -18.43 17.72
C ALA D 46 -15.24 -19.37 16.51
N ARG D 47 -16.37 -20.00 16.16
CA ARG D 47 -16.48 -21.01 15.07
C ARG D 47 -16.28 -20.34 13.69
N VAL D 48 -16.49 -19.03 13.60
CA VAL D 48 -16.22 -18.22 12.37
C VAL D 48 -14.79 -17.69 12.41
N SER D 49 -14.27 -17.39 13.61
CA SER D 49 -12.87 -16.96 13.86
C SER D 49 -11.92 -18.12 13.60
N GLU D 50 -12.26 -19.32 14.09
CA GLU D 50 -11.46 -20.57 13.98
C GLU D 50 -11.48 -21.09 12.54
N LEU D 51 -12.42 -20.63 11.70
CA LEU D 51 -12.61 -21.13 10.31
C LEU D 51 -11.52 -20.52 9.41
N GLU D 52 -11.07 -19.29 9.70
CA GLU D 52 -9.93 -18.64 8.99
C GLU D 52 -8.65 -19.46 9.24
N ASP D 53 -8.55 -20.09 10.42
CA ASP D 53 -7.41 -20.97 10.81
C ASP D 53 -7.49 -22.29 10.02
N GLN D 54 -8.69 -22.85 9.88
CA GLN D 54 -8.97 -24.07 9.06
C GLN D 54 -8.53 -23.80 7.62
N ILE D 55 -8.96 -22.66 7.06
CA ILE D 55 -8.62 -22.18 5.69
C ILE D 55 -7.09 -22.09 5.56
N LYS D 56 -6.45 -21.33 6.45
CA LYS D 56 -5.00 -20.98 6.39
C LYS D 56 -4.13 -22.20 6.76
N LYS D 57 -4.69 -23.20 7.44
CA LYS D 57 -4.00 -24.50 7.72
C LYS D 57 -3.89 -25.29 6.41
N ILE D 58 -5.03 -25.53 5.76
CA ILE D 58 -5.14 -26.21 4.43
C ILE D 58 -4.23 -25.46 3.45
N GLU D 59 -4.39 -24.14 3.34
CA GLU D 59 -3.65 -23.24 2.42
C GLU D 59 -2.13 -23.47 2.55
N ASP D 60 -1.65 -23.67 3.79
CA ASP D 60 -0.20 -23.81 4.12
C ASP D 60 0.24 -25.27 4.01
N ASP D 61 -0.60 -26.20 4.48
CA ASP D 61 -0.31 -27.67 4.48
C ASP D 61 -0.32 -28.21 3.04
N HIS D 62 -1.06 -27.55 2.15
CA HIS D 62 -1.19 -27.92 0.71
C HIS D 62 -0.04 -27.29 -0.09
N GLU D 63 0.42 -26.11 0.33
CA GLU D 63 1.59 -25.40 -0.27
C GLU D 63 2.86 -26.25 -0.09
N ILE D 64 3.00 -26.92 1.05
CA ILE D 64 4.19 -27.76 1.40
C ILE D 64 4.19 -29.04 0.56
N HIS D 65 3.01 -29.66 0.35
CA HIS D 65 2.86 -30.90 -0.44
C HIS D 65 3.05 -30.61 -1.93
N VAL D 66 2.53 -29.48 -2.42
CA VAL D 66 2.73 -28.98 -3.82
C VAL D 66 4.24 -28.84 -4.06
N ALA D 67 4.93 -28.14 -3.16
CA ALA D 67 6.38 -27.85 -3.23
C ALA D 67 7.19 -29.15 -3.34
N THR D 68 6.77 -30.20 -2.61
CA THR D 68 7.42 -31.54 -2.59
C THR D 68 7.31 -32.18 -3.98
N PHE D 69 6.14 -32.12 -4.62
CA PHE D 69 5.88 -32.68 -5.97
C PHE D 69 6.69 -31.92 -7.02
N LYS D 70 6.54 -30.59 -7.05
CA LYS D 70 7.21 -29.68 -8.02
C LYS D 70 8.74 -29.89 -7.96
N GLU D 71 9.26 -30.25 -6.78
CA GLU D 71 10.68 -30.65 -6.56
C GLU D 71 10.90 -32.08 -7.05
N GLN D 72 9.98 -32.99 -6.72
CA GLN D 72 10.08 -34.45 -7.00
C GLN D 72 10.03 -34.72 -8.51
N ILE D 73 9.19 -33.99 -9.25
CA ILE D 73 9.03 -34.14 -10.73
C ILE D 73 10.26 -33.55 -11.44
N ALA D 74 10.87 -32.49 -10.87
CA ALA D 74 12.09 -31.84 -11.38
C ALA D 74 13.31 -32.77 -11.17
N ASN D 75 13.32 -33.51 -10.06
CA ASN D 75 14.33 -34.54 -9.73
C ASN D 75 14.24 -35.69 -10.74
N LEU D 76 13.01 -36.06 -11.11
CA LEU D 76 12.71 -37.19 -12.03
C LEU D 76 12.79 -36.72 -13.48
N SER D 77 12.66 -35.41 -13.72
CA SER D 77 12.81 -34.77 -15.06
C SER D 77 14.30 -34.71 -15.43
N ARG D 78 15.15 -34.33 -14.48
CA ARG D 78 16.63 -34.26 -14.67
C ARG D 78 17.21 -35.67 -14.83
N GLU D 79 16.56 -36.68 -14.24
CA GLU D 79 16.96 -38.11 -14.34
C GLU D 79 16.78 -38.60 -15.78
N VAL D 80 15.70 -38.15 -16.45
CA VAL D 80 15.43 -38.42 -17.89
C VAL D 80 16.51 -37.73 -18.73
N GLU D 81 16.76 -36.43 -18.46
CA GLU D 81 17.72 -35.58 -19.21
C GLU D 81 19.15 -36.08 -18.99
N GLN D 82 19.42 -36.69 -17.82
CA GLN D 82 20.72 -37.36 -17.51
C GLN D 82 20.85 -38.63 -18.35
N CYS D 83 19.89 -39.54 -18.19
CA CYS D 83 19.88 -40.91 -18.78
C CYS D 83 19.94 -40.84 -20.31
N ARG D 84 19.26 -39.87 -20.92
CA ARG D 84 19.24 -39.64 -22.40
C ARG D 84 20.68 -39.43 -22.91
N THR D 85 21.39 -38.44 -22.35
CA THR D 85 22.76 -38.06 -22.78
C THR D 85 23.76 -39.15 -22.42
N GLU D 86 23.66 -39.74 -21.21
CA GLU D 86 24.51 -40.86 -20.76
C GLU D 86 24.39 -42.03 -21.75
N MET D 87 23.15 -42.40 -22.10
CA MET D 87 22.85 -43.46 -23.11
C MET D 87 23.51 -43.08 -24.45
N GLY D 88 23.26 -41.85 -24.93
CA GLY D 88 23.84 -41.29 -26.17
C GLY D 88 25.34 -41.51 -26.26
N TRP D 89 26.05 -41.43 -25.13
CA TRP D 89 27.52 -41.66 -25.03
C TRP D 89 27.82 -43.14 -25.29
N TRP D 90 27.25 -44.04 -24.50
CA TRP D 90 27.39 -45.51 -24.63
C TRP D 90 27.08 -45.93 -26.08
N ARG D 91 26.00 -45.38 -26.63
CA ARG D 91 25.56 -45.60 -28.04
C ARG D 91 26.73 -45.30 -28.98
N ASP D 92 27.28 -44.08 -28.91
CA ASP D 92 28.35 -43.59 -29.82
C ASP D 92 29.65 -44.39 -29.60
N ARG D 93 29.95 -44.73 -28.35
CA ARG D 93 31.21 -45.42 -27.96
C ARG D 93 31.13 -46.93 -28.28
N SER D 94 29.92 -47.45 -28.52
CA SER D 94 29.67 -48.86 -28.93
C SER D 94 30.20 -49.08 -30.34
N HIS D 95 29.99 -48.12 -31.25
CA HIS D 95 30.46 -48.15 -32.66
C HIS D 95 31.61 -47.16 -32.83
N PRO E 26 -37.57 6.95 20.10
CA PRO E 26 -38.92 6.56 19.60
C PRO E 26 -38.84 5.37 18.61
N THR E 27 -40.00 4.96 18.07
CA THR E 27 -40.15 3.80 17.15
C THR E 27 -39.32 4.03 15.87
N LYS E 28 -39.16 5.28 15.45
CA LYS E 28 -38.37 5.67 14.23
C LYS E 28 -36.93 5.15 14.36
N ARG E 29 -36.38 5.10 15.57
CA ARG E 29 -34.97 4.65 15.75
C ARG E 29 -34.98 3.24 16.34
N LYS E 30 -35.81 2.99 17.35
CA LYS E 30 -35.84 1.66 18.04
C LYS E 30 -36.06 0.54 17.03
N ALA E 31 -37.04 0.67 16.14
CA ALA E 31 -37.40 -0.33 15.10
C ALA E 31 -36.37 -0.31 13.98
N GLN E 32 -35.63 0.80 13.84
CA GLN E 32 -34.54 0.86 12.83
C GLN E 32 -33.38 0.03 13.38
N ASN E 33 -33.08 0.22 14.66
CA ASN E 33 -32.00 -0.57 15.34
C ASN E 33 -32.19 -2.06 15.03
N ARG E 34 -33.44 -2.53 14.95
CA ARG E 34 -33.79 -3.92 14.58
C ARG E 34 -33.36 -4.18 13.14
N ALA E 35 -33.81 -3.34 12.20
CA ALA E 35 -33.57 -3.45 10.75
C ALA E 35 -32.05 -3.52 10.46
N ALA E 36 -31.24 -2.78 11.23
CA ALA E 36 -29.76 -2.71 11.12
C ALA E 36 -29.14 -3.92 11.84
N GLN E 37 -29.78 -4.41 12.90
CA GLN E 37 -29.30 -5.66 13.55
C GLN E 37 -29.67 -6.85 12.65
N ARG E 38 -30.94 -6.93 12.24
CA ARG E 38 -31.38 -8.04 11.34
C ARG E 38 -30.32 -8.21 10.25
N ALA E 39 -29.88 -7.10 9.65
CA ALA E 39 -28.84 -7.03 8.59
C ALA E 39 -27.55 -7.69 9.09
N PHE E 40 -27.13 -7.39 10.32
CA PHE E 40 -25.90 -7.92 10.97
C PHE E 40 -25.95 -9.45 11.01
N ARG E 41 -27.01 -10.02 11.60
CA ARG E 41 -27.20 -11.49 11.73
C ARG E 41 -27.24 -12.13 10.33
N GLU E 42 -27.92 -11.49 9.37
CA GLU E 42 -28.05 -11.95 7.96
C GLU E 42 -26.69 -11.85 7.25
N ARG E 43 -25.83 -10.89 7.63
CA ARG E 43 -24.48 -10.81 7.01
C ARG E 43 -23.59 -11.89 7.61
N ARG E 44 -23.66 -12.08 8.92
CA ARG E 44 -22.81 -13.07 9.64
C ARG E 44 -23.24 -14.50 9.25
N ALA E 45 -24.54 -14.73 9.10
CA ALA E 45 -25.14 -16.02 8.68
C ALA E 45 -24.78 -16.32 7.21
N ALA E 46 -24.43 -15.28 6.43
CA ALA E 46 -24.07 -15.37 5.00
C ALA E 46 -22.58 -15.72 4.84
N ARG E 47 -21.72 -15.21 5.74
CA ARG E 47 -20.26 -15.41 5.69
C ARG E 47 -19.89 -16.80 6.21
N VAL E 48 -20.52 -17.25 7.30
CA VAL E 48 -20.30 -18.60 7.91
C VAL E 48 -20.58 -19.67 6.86
N SER E 49 -21.64 -19.50 6.06
CA SER E 49 -22.05 -20.42 4.96
C SER E 49 -21.05 -20.34 3.80
N GLU E 50 -20.66 -19.11 3.43
CA GLU E 50 -19.72 -18.81 2.31
C GLU E 50 -18.37 -19.51 2.57
N LEU E 51 -17.77 -19.26 3.73
CA LEU E 51 -16.41 -19.74 4.10
C LEU E 51 -16.41 -21.26 4.31
N GLU E 52 -17.56 -21.84 4.67
CA GLU E 52 -17.75 -23.32 4.80
C GLU E 52 -17.68 -23.96 3.41
N ASP E 53 -18.28 -23.31 2.40
CA ASP E 53 -18.30 -23.76 0.98
C ASP E 53 -16.94 -23.51 0.33
N GLN E 54 -16.22 -22.48 0.78
CA GLN E 54 -14.85 -22.13 0.29
C GLN E 54 -13.87 -23.25 0.64
N ILE E 55 -14.10 -23.96 1.75
CA ILE E 55 -13.25 -25.11 2.21
C ILE E 55 -13.48 -26.31 1.28
N LYS E 56 -14.73 -26.58 0.92
CA LYS E 56 -15.14 -27.72 0.05
C LYS E 56 -14.48 -27.57 -1.33
N LYS E 57 -14.45 -26.35 -1.88
CA LYS E 57 -13.85 -26.02 -3.20
C LYS E 57 -12.32 -26.16 -3.12
N ILE E 58 -11.68 -25.48 -2.17
CA ILE E 58 -10.21 -25.44 -1.98
C ILE E 58 -9.68 -26.85 -1.72
N GLU E 59 -10.43 -27.68 -0.97
CA GLU E 59 -10.02 -29.06 -0.60
C GLU E 59 -10.30 -30.02 -1.77
N ASP E 60 -11.29 -29.72 -2.61
CA ASP E 60 -11.59 -30.48 -3.86
C ASP E 60 -10.60 -30.06 -4.95
N ASP E 61 -10.48 -28.75 -5.21
CA ASP E 61 -9.59 -28.16 -6.26
C ASP E 61 -8.18 -28.72 -6.11
N HIS E 62 -7.72 -28.95 -4.87
CA HIS E 62 -6.36 -29.47 -4.55
C HIS E 62 -6.35 -31.00 -4.67
N GLU E 63 -7.49 -31.66 -4.39
CA GLU E 63 -7.67 -33.13 -4.58
C GLU E 63 -7.49 -33.47 -6.07
N ILE E 64 -7.78 -32.50 -6.96
CA ILE E 64 -7.54 -32.60 -8.44
C ILE E 64 -6.03 -32.47 -8.68
N HIS E 65 -5.43 -31.36 -8.21
CA HIS E 65 -4.01 -30.99 -8.43
C HIS E 65 -3.08 -32.12 -7.96
N VAL E 66 -3.37 -32.71 -6.79
CA VAL E 66 -2.56 -33.82 -6.18
C VAL E 66 -2.66 -35.06 -7.09
N ALA E 67 -3.82 -35.30 -7.70
CA ALA E 67 -4.09 -36.44 -8.61
C ALA E 67 -3.41 -36.21 -9.97
N THR E 68 -3.19 -34.94 -10.35
CA THR E 68 -2.53 -34.53 -11.62
C THR E 68 -1.03 -34.80 -11.54
N PHE E 69 -0.39 -34.49 -10.41
CA PHE E 69 1.06 -34.66 -10.18
C PHE E 69 1.39 -36.16 -10.11
N LYS E 70 0.53 -36.96 -9.48
CA LYS E 70 0.70 -38.44 -9.36
C LYS E 70 0.69 -39.07 -10.76
N GLU E 71 -0.09 -38.51 -11.69
CA GLU E 71 -0.15 -38.93 -13.12
C GLU E 71 1.22 -38.65 -13.77
N GLN E 72 1.81 -37.48 -13.50
CA GLN E 72 3.12 -37.05 -14.07
C GLN E 72 4.23 -37.96 -13.53
N ILE E 73 4.32 -38.12 -12.21
CA ILE E 73 5.36 -38.97 -11.53
C ILE E 73 5.41 -40.35 -12.21
N ALA E 74 4.25 -40.98 -12.40
CA ALA E 74 4.09 -42.32 -13.01
C ALA E 74 4.66 -42.31 -14.44
N ASN E 75 4.33 -41.28 -15.23
CA ASN E 75 4.77 -41.12 -16.64
C ASN E 75 6.27 -40.81 -16.68
N LEU E 76 6.72 -39.83 -15.89
CA LEU E 76 8.15 -39.46 -15.76
C LEU E 76 8.96 -40.70 -15.32
N SER E 77 8.43 -41.48 -14.37
CA SER E 77 9.07 -42.71 -13.83
C SER E 77 9.20 -43.76 -14.94
N ARG E 78 8.13 -43.98 -15.72
CA ARG E 78 8.12 -44.94 -16.86
C ARG E 78 9.11 -44.47 -17.92
N GLU E 79 9.15 -43.15 -18.20
CA GLU E 79 10.06 -42.52 -19.18
C GLU E 79 11.51 -42.79 -18.77
N VAL E 80 11.82 -42.65 -17.47
CA VAL E 80 13.14 -42.97 -16.86
C VAL E 80 13.42 -44.46 -17.10
N GLU E 81 12.45 -45.33 -16.80
CA GLU E 81 12.60 -46.81 -16.86
C GLU E 81 12.93 -47.25 -18.30
N GLN E 82 12.26 -46.67 -19.30
CA GLN E 82 12.51 -46.98 -20.73
C GLN E 82 13.94 -46.60 -21.09
N CYS E 83 14.33 -45.36 -20.80
CA CYS E 83 15.68 -44.78 -21.12
C CYS E 83 16.77 -45.51 -20.33
N ARG E 84 16.47 -46.00 -19.14
CA ARG E 84 17.43 -46.78 -18.29
C ARG E 84 17.59 -48.19 -18.85
N THR E 85 16.54 -48.74 -19.49
CA THR E 85 16.54 -50.08 -20.15
C THR E 85 17.35 -50.00 -21.44
N GLU E 86 17.30 -48.87 -22.15
CA GLU E 86 18.05 -48.62 -23.41
C GLU E 86 19.55 -48.52 -23.08
N MET E 87 19.92 -47.66 -22.14
CA MET E 87 21.31 -47.50 -21.62
C MET E 87 21.75 -48.83 -20.99
N GLY E 88 20.82 -49.59 -20.42
CA GLY E 88 21.02 -50.96 -19.91
C GLY E 88 21.33 -51.92 -21.05
N TRP E 89 20.65 -51.77 -22.20
CA TRP E 89 20.82 -52.59 -23.43
C TRP E 89 22.22 -52.35 -24.03
N TRP E 90 22.69 -51.11 -24.04
CA TRP E 90 24.02 -50.70 -24.58
C TRP E 90 25.14 -51.11 -23.61
N ARG E 91 24.79 -51.58 -22.41
CA ARG E 91 25.75 -52.06 -21.37
C ARG E 91 25.54 -53.55 -21.08
N ASP E 92 24.35 -54.09 -21.34
CA ASP E 92 23.98 -55.50 -21.04
C ASP E 92 24.44 -56.39 -22.20
N ARG E 93 25.72 -56.80 -22.19
CA ARG E 93 26.33 -57.76 -23.15
C ARG E 93 27.43 -58.56 -22.43
#